data_3KAC
#
_entry.id   3KAC
#
_cell.length_a   118.064
_cell.length_b   36.576
_cell.length_c   51.328
_cell.angle_alpha   90.00
_cell.angle_beta   101.11
_cell.angle_gamma   90.00
#
_symmetry.space_group_name_H-M   'C 1 2 1'
#
loop_
_entity.id
_entity.type
_entity.pdbx_description
1 polymer 'Peptidyl-prolyl cis-trans isomerase NIMA-interacting 1'
2 non-polymer '3-(1H-benzimidazol-2-yl)propanoic acid'
3 water water
#
_entity_poly.entity_id   1
_entity_poly.type   'polypeptide(L)'
_entity_poly.pdbx_seq_one_letter_code
;GSHGGKNGQGEPARVRCSHLLVKHSQSRRPSSWRQEQITRTQEEALELINGYIQKIKSGEEDFESLASQFSDCSSAKARG
DLGAFSRGQMQKPFEDASFALRTGEMSGPVFTDSGIHIILRTE
;
_entity_poly.pdbx_strand_id   A,B
#
loop_
_chem_comp.id
_chem_comp.type
_chem_comp.name
_chem_comp.formula
4BX non-polymer '3-(1H-benzimidazol-2-yl)propanoic acid' 'C10 H10 N2 O2'
#
# COMPACT_ATOMS: atom_id res chain seq x y z
N GLU A 11 -24.44 -24.15 -5.49
CA GLU A 11 -23.31 -23.28 -6.02
C GLU A 11 -23.78 -22.18 -6.97
N PRO A 12 -23.46 -20.92 -6.63
CA PRO A 12 -23.78 -19.89 -7.63
C PRO A 12 -22.97 -20.08 -8.95
N ALA A 13 -23.52 -19.61 -10.08
CA ALA A 13 -22.80 -19.54 -11.34
C ALA A 13 -21.46 -18.88 -11.23
N ARG A 14 -21.44 -17.77 -10.49
CA ARG A 14 -20.27 -16.90 -10.33
C ARG A 14 -20.15 -16.43 -8.87
N VAL A 15 -18.88 -16.30 -8.42
CA VAL A 15 -18.60 -15.64 -7.16
C VAL A 15 -17.83 -14.32 -7.50
N ARG A 16 -17.90 -13.38 -6.60
CA ARG A 16 -16.98 -12.23 -6.73
C ARG A 16 -16.01 -12.35 -5.61
N CYS A 17 -14.71 -12.28 -5.88
CA CYS A 17 -13.71 -12.24 -4.82
C CYS A 17 -12.73 -11.09 -4.97
N SER A 18 -12.15 -10.65 -3.84
CA SER A 18 -10.92 -9.86 -3.88
C SER A 18 -9.77 -10.80 -3.55
N HIS A 19 -8.54 -10.41 -3.86
CA HIS A 19 -7.38 -11.22 -3.41
C HIS A 19 -6.14 -10.36 -3.14
N LEU A 20 -5.17 -10.99 -2.49
CA LEU A 20 -3.90 -10.34 -2.27
C LEU A 20 -2.91 -11.37 -2.80
N LEU A 21 -2.12 -10.99 -3.79
CA LEU A 21 -1.13 -11.95 -4.36
C LEU A 21 0.28 -11.59 -3.90
N VAL A 22 0.99 -12.56 -3.38
CA VAL A 22 2.42 -12.33 -3.19
C VAL A 22 3.22 -13.15 -4.21
N LYS A 23 3.97 -12.52 -5.10
CA LYS A 23 4.76 -13.30 -6.05
C LYS A 23 6.12 -13.65 -5.45
N HIS A 24 6.88 -14.54 -6.10
CA HIS A 24 8.23 -14.83 -5.63
C HIS A 24 9.04 -15.06 -6.89
N SER A 25 10.34 -15.26 -6.73
CA SER A 25 11.29 -15.34 -7.83
C SER A 25 11.08 -16.57 -8.74
N GLN A 26 10.30 -17.56 -8.26
CA GLN A 26 9.99 -18.71 -9.13
C GLN A 26 8.57 -18.65 -9.72
N SER A 27 7.86 -17.53 -9.51
CA SER A 27 6.51 -17.30 -10.09
C SER A 27 6.53 -17.30 -11.60
N ARG A 28 5.41 -17.70 -12.21
CA ARG A 28 5.23 -17.75 -13.68
C ARG A 28 5.72 -16.44 -14.33
N ARG A 29 5.38 -15.31 -13.74
CA ARG A 29 5.80 -14.03 -14.26
C ARG A 29 6.37 -13.17 -13.09
N PRO A 30 7.69 -13.24 -12.86
CA PRO A 30 8.18 -12.63 -11.63
C PRO A 30 8.47 -11.11 -11.77
N SER A 31 7.45 -10.32 -12.13
CA SER A 31 7.41 -8.88 -11.84
C SER A 31 5.98 -8.43 -11.59
N SER A 32 5.84 -7.19 -11.11
CA SER A 32 4.52 -6.71 -10.84
C SER A 32 4.48 -5.22 -11.03
N TRP A 33 3.26 -4.64 -11.00
CA TRP A 33 3.12 -3.17 -11.10
C TRP A 33 4.01 -2.46 -10.06
N ARG A 34 4.29 -3.11 -8.95
CA ARG A 34 4.95 -2.43 -7.81
C ARG A 34 6.42 -2.76 -7.67
N GLN A 35 6.84 -3.76 -8.43
CA GLN A 35 8.22 -4.17 -8.37
C GLN A 35 8.73 -4.72 -9.73
N GLU A 36 9.77 -4.14 -10.30
CA GLU A 36 10.17 -4.52 -11.67
C GLU A 36 10.64 -5.99 -11.77
N GLN A 37 11.36 -6.46 -10.76
CA GLN A 37 11.73 -7.86 -10.65
C GLN A 37 11.44 -8.39 -9.27
N ILE A 38 10.67 -9.49 -9.22
CA ILE A 38 10.36 -10.08 -7.91
C ILE A 38 11.59 -10.88 -7.46
N THR A 39 12.17 -10.52 -6.30
CA THR A 39 13.46 -11.09 -5.81
C THR A 39 13.32 -11.97 -4.56
N ARG A 40 12.15 -11.91 -3.86
CA ARG A 40 11.91 -12.60 -2.61
C ARG A 40 11.79 -14.10 -2.94
N THR A 41 12.14 -14.93 -1.96
CA THR A 41 12.19 -16.36 -2.17
C THR A 41 10.75 -16.79 -1.90
N GLN A 42 10.38 -18.01 -2.31
CA GLN A 42 9.03 -18.55 -2.03
C GLN A 42 8.79 -18.70 -0.55
N GLU A 43 9.86 -19.03 0.18
CA GLU A 43 9.74 -19.05 1.62
C GLU A 43 9.32 -17.70 2.20
N GLU A 44 10.00 -16.61 1.80
CA GLU A 44 9.65 -15.23 2.23
C GLU A 44 8.22 -14.87 1.82
N ALA A 45 7.79 -15.23 0.63
CA ALA A 45 6.40 -15.01 0.17
C ALA A 45 5.39 -15.68 1.10
N LEU A 46 5.58 -16.95 1.45
CA LEU A 46 4.66 -17.58 2.37
C LEU A 46 4.70 -16.94 3.77
N GLU A 47 5.88 -16.57 4.25
CA GLU A 47 5.95 -15.82 5.52
C GLU A 47 5.12 -14.54 5.42
N LEU A 48 5.29 -13.75 4.36
CA LEU A 48 4.47 -12.51 4.18
C LEU A 48 2.93 -12.81 4.26
N ILE A 49 2.48 -13.79 3.46
CA ILE A 49 1.10 -14.24 3.41
C ILE A 49 0.57 -14.63 4.82
N ASN A 50 1.33 -15.44 5.53
CA ASN A 50 0.95 -15.80 6.87
C ASN A 50 0.95 -14.60 7.81
N GLY A 51 1.89 -13.66 7.64
CA GLY A 51 1.95 -12.44 8.45
C GLY A 51 0.71 -11.61 8.18
N TYR A 52 0.30 -11.53 6.92
CA TYR A 52 -0.96 -10.86 6.57
C TYR A 52 -2.18 -11.50 7.21
N ILE A 53 -2.24 -12.85 7.20
CA ILE A 53 -3.40 -13.60 7.73
C ILE A 53 -3.55 -13.27 9.21
N GLN A 54 -2.44 -13.31 9.94
CA GLN A 54 -2.45 -13.06 11.37
C GLN A 54 -2.79 -11.62 11.73
N LYS A 55 -2.37 -10.65 10.90
CA LYS A 55 -2.75 -9.25 11.16
C LYS A 55 -4.22 -8.96 10.82
N ILE A 56 -4.75 -9.57 9.76
CA ILE A 56 -6.20 -9.48 9.42
C ILE A 56 -7.05 -10.20 10.48
N LYS A 57 -6.57 -11.34 10.97
CA LYS A 57 -7.27 -12.01 12.08
C LYS A 57 -7.34 -11.23 13.43
N SER A 58 -6.21 -10.64 13.85
CA SER A 58 -6.16 -9.87 15.14
C SER A 58 -6.93 -8.56 15.02
N GLY A 59 -6.98 -8.04 13.79
CA GLY A 59 -7.64 -6.79 13.48
C GLY A 59 -6.70 -5.64 13.20
N GLU A 60 -5.39 -5.88 13.37
CA GLU A 60 -4.37 -4.84 13.17
C GLU A 60 -4.36 -4.34 11.71
N GLU A 61 -4.71 -5.20 10.74
CA GLU A 61 -4.72 -4.81 9.33
C GLU A 61 -6.04 -5.18 8.67
N ASP A 62 -6.36 -4.44 7.60
CA ASP A 62 -7.57 -4.63 6.82
C ASP A 62 -7.22 -5.27 5.44
N PHE A 63 -7.95 -6.33 5.05
CA PHE A 63 -7.63 -7.12 3.90
C PHE A 63 -7.46 -6.22 2.69
N GLU A 64 -8.49 -5.41 2.43
CA GLU A 64 -8.51 -4.61 1.21
C GLU A 64 -7.48 -3.47 1.19
N SER A 65 -7.22 -2.80 2.34
CA SER A 65 -6.06 -1.90 2.44
C SER A 65 -4.74 -2.58 2.15
N LEU A 66 -4.47 -3.77 2.74
CA LEU A 66 -3.21 -4.50 2.45
C LEU A 66 -3.06 -4.82 0.97
N ALA A 67 -4.14 -5.30 0.37
CA ALA A 67 -4.10 -5.66 -1.05
C ALA A 67 -3.84 -4.43 -1.94
N SER A 68 -4.40 -3.26 -1.63
CA SER A 68 -4.12 -2.04 -2.46
C SER A 68 -2.66 -1.57 -2.41
N GLN A 69 -1.92 -1.96 -1.38
CA GLN A 69 -0.53 -1.50 -1.12
C GLN A 69 0.49 -2.49 -1.60
N PHE A 70 0.19 -3.76 -1.40
CA PHE A 70 1.20 -4.82 -1.38
C PHE A 70 0.89 -5.97 -2.35
N SER A 71 -0.34 -6.09 -2.89
CA SER A 71 -0.60 -7.18 -3.88
C SER A 71 0.19 -7.00 -5.15
N ASP A 72 0.79 -8.13 -5.63
CA ASP A 72 1.53 -8.19 -6.88
C ASP A 72 0.66 -8.38 -8.11
N CYS A 73 -0.65 -8.37 -7.92
CA CYS A 73 -1.59 -8.45 -9.02
C CYS A 73 -2.06 -7.02 -9.25
N SER A 74 -2.24 -6.59 -10.49
CA SER A 74 -2.62 -5.18 -10.73
C SER A 74 -4.05 -4.94 -10.31
N SER A 75 -4.77 -5.98 -9.86
CA SER A 75 -6.08 -5.72 -9.20
C SER A 75 -5.88 -5.01 -7.85
N ALA A 76 -4.62 -4.80 -7.44
CA ALA A 76 -4.31 -3.92 -6.29
C ALA A 76 -4.97 -2.53 -6.43
N LYS A 77 -5.08 -2.02 -7.65
CA LYS A 77 -5.63 -0.68 -7.91
C LYS A 77 -7.12 -0.59 -7.62
N ALA A 78 -7.75 -1.78 -7.53
CA ALA A 78 -9.18 -1.98 -7.29
C ALA A 78 -9.33 -2.59 -5.92
N ARG A 79 -8.34 -2.33 -5.05
CA ARG A 79 -8.29 -2.84 -3.68
C ARG A 79 -8.42 -4.38 -3.68
N GLY A 80 -7.81 -5.06 -4.66
CA GLY A 80 -7.86 -6.56 -4.69
C GLY A 80 -9.06 -7.15 -5.47
N ASP A 81 -10.04 -6.32 -5.78
CA ASP A 81 -11.31 -6.82 -6.33
C ASP A 81 -11.01 -7.43 -7.71
N LEU A 82 -11.31 -8.71 -7.87
CA LEU A 82 -11.25 -9.32 -9.20
C LEU A 82 -12.58 -9.24 -9.96
N GLY A 83 -13.66 -8.80 -9.34
CA GLY A 83 -14.94 -8.91 -10.08
C GLY A 83 -15.49 -10.36 -9.96
N ALA A 84 -16.60 -10.63 -10.67
CA ALA A 84 -17.18 -11.98 -10.68
C ALA A 84 -16.50 -12.94 -11.68
N PHE A 85 -16.44 -14.22 -11.39
CA PHE A 85 -15.92 -15.19 -12.37
C PHE A 85 -16.67 -16.48 -12.16
N SER A 86 -16.89 -17.21 -13.28
CA SER A 86 -17.40 -18.59 -13.24
C SER A 86 -16.24 -19.60 -13.06
N ARG A 87 -16.61 -20.87 -12.97
CA ARG A 87 -15.69 -21.96 -13.06
C ARG A 87 -15.07 -21.94 -14.46
N GLY A 88 -13.83 -22.45 -14.61
CA GLY A 88 -13.15 -22.59 -15.92
C GLY A 88 -12.42 -21.33 -16.46
N GLN A 89 -12.31 -20.26 -15.67
CA GLN A 89 -11.72 -18.98 -16.05
C GLN A 89 -10.35 -18.82 -15.30
N MET A 90 -10.37 -18.97 -13.98
CA MET A 90 -9.17 -18.84 -13.13
C MET A 90 -8.38 -20.18 -13.02
N GLN A 91 -7.08 -20.13 -12.76
CA GLN A 91 -6.29 -21.36 -12.42
C GLN A 91 -7.07 -22.14 -11.39
N LYS A 92 -7.11 -23.48 -11.54
CA LYS A 92 -7.93 -24.38 -10.72
C LYS A 92 -7.82 -24.24 -9.18
N PRO A 93 -6.58 -24.14 -8.63
CA PRO A 93 -6.50 -24.01 -7.16
C PRO A 93 -7.15 -22.71 -6.64
N PHE A 94 -7.04 -21.66 -7.46
CA PHE A 94 -7.68 -20.39 -7.10
C PHE A 94 -9.22 -20.51 -7.23
N GLU A 95 -9.65 -21.02 -8.36
CA GLU A 95 -11.09 -21.32 -8.53
C GLU A 95 -11.68 -22.18 -7.39
N ASP A 96 -11.02 -23.28 -7.08
CA ASP A 96 -11.52 -24.17 -6.02
C ASP A 96 -11.60 -23.50 -4.63
N ALA A 97 -10.58 -22.74 -4.24
CA ALA A 97 -10.62 -22.03 -2.93
C ALA A 97 -11.71 -20.96 -2.93
N SER A 98 -11.85 -20.22 -4.03
CA SER A 98 -12.90 -19.19 -4.12
C SER A 98 -14.29 -19.74 -3.93
N PHE A 99 -14.61 -20.84 -4.66
CA PHE A 99 -15.98 -21.39 -4.65
C PHE A 99 -16.31 -22.08 -3.32
N ALA A 100 -15.30 -22.40 -2.52
CA ALA A 100 -15.51 -23.10 -1.25
C ALA A 100 -15.69 -22.10 -0.07
N LEU A 101 -15.42 -20.81 -0.32
CA LEU A 101 -15.64 -19.77 0.72
C LEU A 101 -17.11 -19.37 0.80
N ARG A 102 -17.53 -19.01 2.03
CA ARG A 102 -18.78 -18.28 2.18
C ARG A 102 -18.53 -16.81 1.84
N THR A 103 -19.59 -16.03 1.51
CA THR A 103 -19.41 -14.62 1.21
C THR A 103 -18.92 -14.05 2.56
N GLY A 104 -17.95 -13.13 2.52
CA GLY A 104 -17.30 -12.56 3.73
C GLY A 104 -16.17 -13.36 4.42
N GLU A 105 -15.88 -14.53 3.89
CA GLU A 105 -14.91 -15.44 4.49
C GLU A 105 -13.58 -15.35 3.72
N MET A 106 -12.46 -15.60 4.39
CA MET A 106 -11.15 -15.36 3.79
C MET A 106 -10.47 -16.71 3.75
N SER A 107 -9.66 -16.97 2.71
CA SER A 107 -9.07 -18.28 2.54
C SER A 107 -7.79 -18.30 3.41
N GLY A 108 -7.18 -19.45 3.55
CA GLY A 108 -5.76 -19.53 3.90
C GLY A 108 -4.87 -19.29 2.67
N PRO A 109 -3.57 -19.65 2.76
CA PRO A 109 -2.67 -19.53 1.62
C PRO A 109 -3.16 -20.41 0.45
N VAL A 110 -3.17 -19.80 -0.72
CA VAL A 110 -3.61 -20.51 -1.92
C VAL A 110 -2.47 -20.44 -2.97
N PHE A 111 -2.06 -21.57 -3.52
CA PHE A 111 -0.95 -21.64 -4.46
C PHE A 111 -1.35 -21.80 -5.88
N THR A 112 -0.83 -20.91 -6.74
CA THR A 112 -1.06 -21.01 -8.20
C THR A 112 0.30 -20.80 -8.88
N ASP A 113 0.36 -21.01 -10.21
CA ASP A 113 1.60 -20.64 -10.92
C ASP A 113 2.01 -19.19 -10.70
N SER A 114 1.05 -18.28 -10.43
CA SER A 114 1.41 -16.83 -10.33
C SER A 114 2.10 -16.50 -9.03
N GLY A 115 1.88 -17.32 -7.99
CA GLY A 115 2.37 -17.08 -6.62
C GLY A 115 1.42 -17.55 -5.49
N ILE A 116 1.41 -16.83 -4.36
CA ILE A 116 0.64 -17.27 -3.18
C ILE A 116 -0.39 -16.21 -2.93
N HIS A 117 -1.63 -16.64 -2.71
CA HIS A 117 -2.74 -15.72 -2.55
C HIS A 117 -3.45 -15.95 -1.24
N ILE A 118 -4.11 -14.91 -0.76
CA ILE A 118 -5.30 -15.04 0.12
C ILE A 118 -6.48 -14.42 -0.62
N ILE A 119 -7.66 -14.95 -0.33
CA ILE A 119 -8.83 -14.62 -1.14
C ILE A 119 -9.91 -14.26 -0.14
N LEU A 120 -10.65 -13.20 -0.48
CA LEU A 120 -11.83 -12.76 0.23
C LEU A 120 -13.05 -12.85 -0.75
N ARG A 121 -13.99 -13.71 -0.42
CA ARG A 121 -15.19 -13.82 -1.16
C ARG A 121 -16.12 -12.68 -0.74
N THR A 122 -16.53 -11.90 -1.74
CA THR A 122 -17.44 -10.77 -1.44
C THR A 122 -18.92 -11.00 -1.89
N GLU A 123 -19.16 -11.73 -2.99
CA GLU A 123 -20.51 -12.09 -3.47
C GLU A 123 -20.52 -13.55 -3.86
N GLN B 9 -15.02 12.40 19.74
CA GLN B 9 -14.04 11.97 20.81
C GLN B 9 -13.26 13.17 21.45
N GLY B 10 -13.72 14.42 21.23
CA GLY B 10 -12.96 15.65 21.61
C GLY B 10 -11.75 16.06 20.74
N GLU B 11 -11.50 15.28 19.68
CA GLU B 11 -10.46 15.52 18.68
C GLU B 11 -10.35 16.99 18.28
N PRO B 12 -9.10 17.46 18.03
CA PRO B 12 -8.96 18.85 17.54
C PRO B 12 -9.63 19.00 16.16
N ALA B 13 -10.26 20.18 15.97
CA ALA B 13 -10.88 20.56 14.68
C ALA B 13 -9.90 20.33 13.50
N ARG B 14 -8.64 20.68 13.76
CA ARG B 14 -7.56 20.55 12.78
C ARG B 14 -6.27 20.04 13.40
N VAL B 15 -5.48 19.35 12.56
CA VAL B 15 -4.08 19.05 12.82
C VAL B 15 -3.28 19.79 11.79
N ARG B 16 -2.02 20.08 12.11
CA ARG B 16 -1.15 20.62 11.10
C ARG B 16 -0.04 19.59 10.82
N CYS B 17 0.25 19.35 9.53
CA CYS B 17 1.33 18.44 9.19
C CYS B 17 2.31 18.98 8.15
N SER B 18 3.56 18.54 8.27
CA SER B 18 4.50 18.53 7.15
C SER B 18 4.54 17.11 6.56
N HIS B 19 4.98 16.98 5.30
CA HIS B 19 5.16 15.64 4.74
C HIS B 19 6.27 15.59 3.69
N LEU B 20 6.79 14.40 3.44
CA LEU B 20 7.69 14.15 2.31
C LEU B 20 7.05 13.05 1.44
N LEU B 21 6.69 13.41 0.21
CA LEU B 21 6.08 12.46 -0.69
C LEU B 21 7.10 11.94 -1.71
N VAL B 22 7.12 10.62 -1.90
CA VAL B 22 7.85 10.02 -3.02
C VAL B 22 6.77 9.36 -3.88
N LYS B 23 6.63 9.87 -5.09
CA LYS B 23 5.70 9.29 -6.06
C LYS B 23 6.36 8.09 -6.73
N HIS B 24 5.56 7.39 -7.49
CA HIS B 24 6.00 6.23 -8.22
C HIS B 24 5.13 6.13 -9.49
N SER B 25 5.44 5.18 -10.37
CA SER B 25 4.81 5.17 -11.69
C SER B 25 3.31 4.99 -11.59
N GLN B 26 2.85 4.51 -10.42
CA GLN B 26 1.42 4.26 -10.19
C GLN B 26 0.72 5.37 -9.44
N SER B 27 1.43 6.44 -9.12
CA SER B 27 0.81 7.64 -8.59
C SER B 27 -0.30 8.11 -9.54
N ARG B 28 -1.39 8.69 -9.00
CA ARG B 28 -2.44 9.35 -9.79
C ARG B 28 -1.84 10.30 -10.86
N ARG B 29 -0.88 11.11 -10.44
CA ARG B 29 -0.19 12.05 -11.30
C ARG B 29 1.32 11.87 -11.15
N PRO B 30 1.90 11.01 -12.00
CA PRO B 30 3.29 10.58 -11.96
C PRO B 30 4.24 11.60 -12.57
N SER B 31 4.26 12.79 -11.98
CA SER B 31 5.12 13.93 -12.34
C SER B 31 5.18 14.86 -11.17
N SER B 32 6.28 15.59 -11.05
CA SER B 32 6.41 16.51 -9.94
C SER B 32 7.26 17.66 -10.44
N TRP B 33 7.46 18.68 -9.61
CA TRP B 33 8.49 19.69 -9.89
C TRP B 33 9.89 19.02 -10.13
N ARG B 34 10.10 17.79 -9.66
CA ARG B 34 11.42 17.16 -9.79
C ARG B 34 11.69 16.49 -11.13
N GLN B 35 10.64 15.95 -11.74
CA GLN B 35 10.73 15.16 -12.99
C GLN B 35 9.40 15.19 -13.73
N GLU B 36 9.44 15.38 -15.05
CA GLU B 36 8.16 15.42 -15.85
C GLU B 36 7.52 14.05 -15.87
N GLN B 37 8.39 13.02 -15.77
CA GLN B 37 7.93 11.65 -15.70
C GLN B 37 8.60 10.90 -14.56
N ILE B 38 7.77 10.41 -13.61
CA ILE B 38 8.21 9.62 -12.50
C ILE B 38 8.07 8.18 -12.91
N THR B 39 9.20 7.50 -13.00
CA THR B 39 9.26 6.15 -13.55
C THR B 39 9.60 5.10 -12.48
N ARG B 40 9.85 5.51 -11.25
CA ARG B 40 10.28 4.55 -10.22
C ARG B 40 9.08 3.70 -9.85
N THR B 41 9.30 2.44 -9.46
CA THR B 41 8.18 1.60 -9.05
C THR B 41 7.87 1.94 -7.57
N GLN B 42 6.73 1.46 -7.07
CA GLN B 42 6.35 1.65 -5.65
C GLN B 42 7.39 1.08 -4.68
N GLU B 43 7.95 -0.09 -5.01
CA GLU B 43 9.01 -0.75 -4.20
C GLU B 43 10.19 0.19 -4.06
N GLU B 44 10.64 0.78 -5.17
CA GLU B 44 11.72 1.80 -5.21
C GLU B 44 11.35 3.08 -4.44
N ALA B 45 10.13 3.55 -4.56
CA ALA B 45 9.69 4.68 -3.73
C ALA B 45 9.77 4.33 -2.23
N LEU B 46 9.36 3.11 -1.84
CA LEU B 46 9.24 2.76 -0.41
C LEU B 46 10.62 2.68 0.21
N GLU B 47 11.56 2.19 -0.60
CA GLU B 47 12.98 2.12 -0.27
C GLU B 47 13.63 3.48 -0.10
N LEU B 48 13.33 4.41 -1.02
CA LEU B 48 13.74 5.81 -0.83
C LEU B 48 13.14 6.39 0.44
N ILE B 49 11.86 6.09 0.67
CA ILE B 49 11.19 6.55 1.90
C ILE B 49 11.90 6.01 3.16
N ASN B 50 12.15 4.70 3.20
CA ASN B 50 12.82 4.10 4.34
C ASN B 50 14.18 4.67 4.59
N GLY B 51 14.89 5.03 3.53
CA GLY B 51 16.16 5.69 3.57
C GLY B 51 16.14 7.09 4.18
N TYR B 52 15.16 7.90 3.76
CA TYR B 52 14.93 9.21 4.38
C TYR B 52 14.54 9.10 5.86
N ILE B 53 13.73 8.10 6.21
CA ILE B 53 13.31 7.91 7.60
C ILE B 53 14.55 7.63 8.49
N GLN B 54 15.47 6.80 8.00
CA GLN B 54 16.70 6.45 8.74
C GLN B 54 17.62 7.68 8.93
N LYS B 55 17.69 8.55 7.91
CA LYS B 55 18.50 9.74 8.03
C LYS B 55 17.92 10.73 9.01
N ILE B 56 16.58 10.85 9.01
CA ILE B 56 15.83 11.71 9.96
C ILE B 56 15.99 11.21 11.40
N LYS B 57 15.70 9.93 11.60
CA LYS B 57 15.78 9.30 12.91
C LYS B 57 17.21 9.25 13.45
N SER B 58 18.20 9.12 12.59
CA SER B 58 19.59 9.07 13.08
C SER B 58 20.13 10.44 13.47
N GLY B 59 19.41 11.51 13.10
CA GLY B 59 19.87 12.88 13.32
C GLY B 59 20.72 13.40 12.17
N GLU B 60 20.98 12.56 11.18
CA GLU B 60 21.90 12.96 10.11
C GLU B 60 21.31 14.03 9.19
N GLU B 61 19.97 14.15 9.18
CA GLU B 61 19.31 15.15 8.37
C GLU B 61 18.02 15.54 9.03
N ASP B 62 17.63 16.80 8.80
CA ASP B 62 16.35 17.37 9.16
C ASP B 62 15.19 16.94 8.27
N PHE B 63 14.05 16.61 8.90
CA PHE B 63 12.82 16.31 8.17
C PHE B 63 12.53 17.37 7.10
N GLU B 64 12.48 18.65 7.51
CA GLU B 64 12.06 19.69 6.60
C GLU B 64 13.08 19.99 5.53
N SER B 65 14.36 19.80 5.84
CA SER B 65 15.40 19.90 4.78
C SER B 65 15.26 18.78 3.71
N LEU B 66 14.99 17.54 4.13
CA LEU B 66 14.75 16.44 3.18
C LEU B 66 13.45 16.68 2.35
N ALA B 67 12.37 17.20 2.98
CA ALA B 67 11.16 17.49 2.22
C ALA B 67 11.47 18.53 1.16
N SER B 68 12.23 19.58 1.55
CA SER B 68 12.48 20.66 0.59
C SER B 68 13.28 20.19 -0.65
N GLN B 69 14.20 19.24 -0.45
CA GLN B 69 15.02 18.68 -1.55
C GLN B 69 14.36 17.53 -2.35
N PHE B 70 13.63 16.68 -1.65
CA PHE B 70 13.26 15.38 -2.16
C PHE B 70 11.79 15.08 -2.26
N SER B 71 10.93 15.96 -1.73
CA SER B 71 9.50 15.65 -1.79
C SER B 71 8.95 15.94 -3.20
N ASP B 72 8.20 14.98 -3.75
CA ASP B 72 7.54 15.11 -5.08
C ASP B 72 6.22 15.88 -4.98
N CYS B 73 5.84 16.32 -3.78
CA CYS B 73 4.70 17.21 -3.61
C CYS B 73 5.16 18.67 -3.77
N SER B 74 4.39 19.54 -4.40
CA SER B 74 4.81 20.97 -4.49
C SER B 74 4.94 21.69 -3.15
N SER B 75 4.37 21.11 -2.06
CA SER B 75 4.65 21.63 -0.73
C SER B 75 6.13 21.54 -0.33
N ALA B 76 6.98 20.84 -1.10
CA ALA B 76 8.44 20.90 -0.89
C ALA B 76 8.96 22.35 -0.77
N LYS B 77 8.36 23.25 -1.49
CA LYS B 77 8.81 24.64 -1.47
C LYS B 77 8.46 25.38 -0.14
N ALA B 78 7.41 24.87 0.56
CA ALA B 78 7.02 25.30 1.91
C ALA B 78 7.73 24.37 2.91
N ARG B 79 8.80 23.73 2.49
CA ARG B 79 9.54 22.85 3.41
C ARG B 79 8.66 21.67 3.95
N GLY B 80 7.77 21.22 3.06
CA GLY B 80 6.94 20.08 3.38
C GLY B 80 5.67 20.42 4.14
N ASP B 81 5.52 21.68 4.57
CA ASP B 81 4.36 22.10 5.40
C ASP B 81 3.09 22.17 4.52
N LEU B 82 2.01 21.47 4.90
CA LEU B 82 0.73 21.55 4.21
C LEU B 82 -0.25 22.53 4.81
N GLY B 83 0.11 23.09 5.97
CA GLY B 83 -0.84 23.84 6.79
C GLY B 83 -1.81 22.96 7.54
N ALA B 84 -2.82 23.58 8.14
CA ALA B 84 -3.77 22.88 8.96
C ALA B 84 -4.97 22.33 8.20
N PHE B 85 -5.47 21.18 8.62
CA PHE B 85 -6.60 20.61 7.95
C PHE B 85 -7.49 19.92 8.93
N SER B 86 -8.77 19.95 8.58
CA SER B 86 -9.81 19.24 9.28
C SER B 86 -9.98 17.90 8.57
N ARG B 87 -10.82 17.05 9.18
CA ARG B 87 -11.35 15.84 8.56
C ARG B 87 -12.14 16.15 7.27
N GLY B 88 -12.01 15.29 6.25
CA GLY B 88 -12.61 15.56 4.94
C GLY B 88 -11.66 16.23 3.95
N GLN B 89 -10.83 17.17 4.40
CA GLN B 89 -10.00 17.94 3.47
C GLN B 89 -8.82 17.19 2.72
N MET B 90 -8.27 16.12 3.32
CA MET B 90 -7.22 15.29 2.72
C MET B 90 -7.76 13.89 2.40
N GLN B 91 -7.06 13.12 1.54
CA GLN B 91 -7.44 11.72 1.22
C GLN B 91 -7.48 10.85 2.46
N LYS B 92 -8.43 9.92 2.55
CA LYS B 92 -8.66 9.08 3.76
C LYS B 92 -7.41 8.43 4.42
N PRO B 93 -6.56 7.68 3.66
CA PRO B 93 -5.38 7.12 4.36
C PRO B 93 -4.43 8.18 4.94
N PHE B 94 -4.36 9.35 4.31
CA PHE B 94 -3.48 10.43 4.78
C PHE B 94 -4.12 11.08 6.01
N GLU B 95 -5.43 11.27 5.94
CA GLU B 95 -6.14 11.92 7.00
C GLU B 95 -6.02 11.05 8.27
N ASP B 96 -6.31 9.76 8.12
CA ASP B 96 -6.17 8.77 9.18
C ASP B 96 -4.76 8.77 9.82
N ALA B 97 -3.71 8.62 9.01
CA ALA B 97 -2.36 8.58 9.57
C ALA B 97 -1.98 9.85 10.30
N SER B 98 -2.54 10.97 9.86
CA SER B 98 -2.31 12.31 10.42
C SER B 98 -2.91 12.56 11.80
N PHE B 99 -4.22 12.35 11.92
CA PHE B 99 -4.94 12.38 13.20
C PHE B 99 -4.51 11.33 14.22
N ALA B 100 -3.89 10.24 13.74
CA ALA B 100 -3.40 9.21 14.63
C ALA B 100 -2.01 9.51 15.17
N LEU B 101 -1.38 10.59 14.69
CA LEU B 101 -0.11 11.04 15.31
C LEU B 101 -0.34 11.96 16.54
N ARG B 102 0.55 11.87 17.56
CA ARG B 102 0.60 12.89 18.62
C ARG B 102 1.39 14.07 18.08
N THR B 103 1.23 15.21 18.69
CA THR B 103 1.95 16.37 18.15
C THR B 103 3.48 16.20 18.33
N GLY B 104 4.23 16.55 17.29
CA GLY B 104 5.67 16.21 17.25
C GLY B 104 6.04 14.84 16.71
N GLU B 105 5.08 13.93 16.56
CA GLU B 105 5.39 12.56 16.11
C GLU B 105 5.49 12.48 14.57
N MET B 106 6.29 11.54 14.09
CA MET B 106 6.46 11.27 12.67
C MET B 106 5.98 9.83 12.37
N SER B 107 5.28 9.66 11.26
CA SER B 107 4.75 8.34 10.85
C SER B 107 5.87 7.51 10.22
N GLY B 108 5.61 6.23 10.01
CA GLY B 108 6.38 5.47 9.05
C GLY B 108 5.74 5.65 7.65
N PRO B 109 6.07 4.74 6.70
CA PRO B 109 5.53 4.89 5.37
C PRO B 109 3.97 4.89 5.35
N VAL B 110 3.38 5.94 4.77
CA VAL B 110 1.97 6.05 4.67
C VAL B 110 1.58 5.96 3.17
N PHE B 111 0.74 5.00 2.78
CA PHE B 111 0.45 4.76 1.33
C PHE B 111 -0.79 5.48 0.83
N THR B 112 -0.69 6.26 -0.24
CA THR B 112 -1.90 6.85 -0.77
C THR B 112 -1.93 6.71 -2.30
N ASP B 113 -3.04 7.16 -2.89
CA ASP B 113 -3.21 7.33 -4.36
C ASP B 113 -2.10 8.20 -5.03
N SER B 114 -1.57 9.15 -4.26
CA SER B 114 -0.52 10.08 -4.71
C SER B 114 0.88 9.47 -4.65
N GLY B 115 1.07 8.51 -3.76
CA GLY B 115 2.41 7.86 -3.61
C GLY B 115 2.63 7.45 -2.15
N ILE B 116 3.89 7.43 -1.69
CA ILE B 116 4.27 7.06 -0.32
C ILE B 116 4.81 8.30 0.41
N HIS B 117 4.30 8.53 1.63
CA HIS B 117 4.57 9.75 2.40
C HIS B 117 5.27 9.39 3.73
N ILE B 118 6.05 10.34 4.27
CA ILE B 118 6.35 10.42 5.70
C ILE B 118 5.62 11.68 6.17
N ILE B 119 4.97 11.60 7.32
CA ILE B 119 4.17 12.70 7.81
C ILE B 119 4.73 13.11 9.16
N LEU B 120 4.93 14.39 9.35
CA LEU B 120 5.33 14.87 10.67
C LEU B 120 4.19 15.76 11.21
N ARG B 121 3.60 15.37 12.33
CA ARG B 121 2.50 16.21 12.86
C ARG B 121 3.11 17.38 13.60
N THR B 122 2.84 18.61 13.15
CA THR B 122 3.44 19.76 13.80
C THR B 122 2.52 20.45 14.85
N GLU B 123 1.21 20.32 14.70
CA GLU B 123 0.33 21.01 15.61
C GLU B 123 -0.89 20.18 15.78
C1 4BX C . -5.44 -16.36 -10.21
C2 4BX C . -6.24 -15.31 -9.77
C3 4BX C . -5.76 -14.00 -9.85
C4 4BX C . -4.17 -16.11 -10.71
N5 4BX C . -2.56 -14.29 -11.23
C6 4BX C . -3.70 -14.81 -10.80
C7 4BX C . -4.49 -13.76 -10.36
N8 4BX C . -3.79 -12.64 -10.56
C9 4BX C . -2.61 -12.96 -11.09
C10 4BX C . -1.51 -11.98 -11.47
C11 4BX C . -1.27 -11.98 -12.98
C12 4BX C . 0.11 -11.41 -13.31
O13 4BX C . 0.93 -12.09 -13.92
O14 4BX C . 0.41 -10.26 -12.98
C1 4BX D . -2.29 13.86 0.70
C2 4BX D . -1.69 14.99 1.22
C3 4BX D . -0.88 15.79 0.43
C4 4BX D . -2.08 13.51 -0.64
N5 4BX D . -0.89 14.24 -2.71
C6 4BX D . -1.27 14.32 -1.44
C7 4BX D . -0.67 15.45 -0.90
N8 4BX D . 0.04 16.01 -1.88
C9 4BX D . -0.09 15.28 -2.98
C10 4BX D . 0.55 15.56 -4.33
C11 4BX D . -0.51 15.87 -5.39
C12 4BX D . 0.06 15.67 -6.79
O13 4BX D . -0.57 15.04 -7.64
O14 4BX D . 1.16 16.14 -7.11
#